data_8ROG
#
_entry.id   8ROG
#
_cell.length_a   66.219
_cell.length_b   113.984
_cell.length_c   134.071
_cell.angle_alpha   90.000
_cell.angle_beta   90.000
_cell.angle_gamma   90.000
#
_symmetry.space_group_name_H-M   'I 2 2 2'
#
loop_
_entity.id
_entity.type
_entity.pdbx_description
1 polymer 'Structural maintenance of chromosomes protein 1A'
2 polymer '64-kDa C-terminal product'
3 non-polymer 'MAGNESIUM ION'
4 non-polymer 'PHOSPHOTHIOPHOSPHORIC ACID-ADENYLATE ESTER'
5 water water
#
loop_
_entity_poly.entity_id
_entity_poly.type
_entity_poly.pdbx_seq_one_letter_code
_entity_poly.pdbx_strand_id
1 'polypeptide(L)'
;MGFLKLIEIENFKSYKGRQIIGPFQRFTAIIGPNGSGKSNLMDAISFVLGEKTSNLRVKTLRDLIHGAPVGKPAANRAFV
SMVYSEEGAEDRTFARVIVGGSSEYKINNKVVQLHEYSEELEKLGILIKARNFLVFQGAVESIAMKNPKERTALFEEISR
SGELAQEYDKRKKEMGSGSLVPRGSGSAKQAFEQIKKERFDRFNACFESVATNIDEIYKALSRNSSAQAFLGPENPEEPY
LDGINYNCVAPGKRFRPMDNLSGGEKTVAALALLFAIHSYKPAPFFVLDQIDAALDNTNIGKVANYIKEQSTCNFQAIVI
SLKEEFYTKAESLIGVYPEQGDCVISKVLTFDLTKYPDANPNPNEQ
;
A
2 'polypeptide(L)'
;MKRTQQMLHGLQRALAKTGAESISLLELCRNTNRKQAAAKFYSFLVLKKQQAIELTQEEPYSDIIATPGPRFHGSLEVLF
Q
;
B
#
loop_
_chem_comp.id
_chem_comp.type
_chem_comp.name
_chem_comp.formula
AGS non-polymer 'PHOSPHOTHIOPHOSPHORIC ACID-ADENYLATE ESTER' 'C10 H16 N5 O12 P3 S'
MG non-polymer 'MAGNESIUM ION' 'Mg 2'
#
# COMPACT_ATOMS: atom_id res chain seq x y z
N GLY A 2 11.84 9.97 -2.12
CA GLY A 2 12.45 8.94 -2.94
C GLY A 2 11.45 7.94 -3.45
N PHE A 3 11.92 6.78 -3.93
CA PHE A 3 10.99 5.79 -4.43
C PHE A 3 11.55 4.39 -4.22
N LEU A 4 10.64 3.43 -4.23
CA LEU A 4 10.97 2.03 -4.13
C LEU A 4 11.43 1.59 -5.51
N LYS A 5 12.72 1.30 -5.66
CA LYS A 5 13.23 0.93 -6.98
C LYS A 5 12.88 -0.52 -7.32
N LEU A 6 13.09 -1.44 -6.37
CA LEU A 6 12.76 -2.84 -6.57
C LEU A 6 12.74 -3.53 -5.22
N ILE A 7 12.07 -4.68 -5.20
CA ILE A 7 12.08 -5.60 -4.07
C ILE A 7 12.84 -6.84 -4.50
N GLU A 8 13.67 -7.37 -3.61
CA GLU A 8 14.27 -8.68 -3.82
C GLU A 8 13.76 -9.60 -2.73
N ILE A 9 13.30 -10.80 -3.12
CA ILE A 9 12.69 -11.76 -2.22
C ILE A 9 13.41 -13.10 -2.36
N GLU A 10 13.66 -13.76 -1.24
CA GLU A 10 14.21 -15.11 -1.29
C GLU A 10 13.45 -16.04 -0.34
N ASN A 11 12.80 -17.06 -0.91
CA ASN A 11 12.13 -18.12 -0.14
C ASN A 11 11.14 -17.57 0.90
N PHE A 12 10.36 -16.56 0.52
CA PHE A 12 9.38 -15.93 1.40
C PHE A 12 7.97 -16.35 0.96
N LYS A 13 7.26 -17.05 1.84
CA LYS A 13 5.93 -17.60 1.51
C LYS A 13 6.07 -18.31 0.16
N SER A 14 5.20 -18.02 -0.83
CA SER A 14 5.23 -18.76 -2.09
C SER A 14 6.38 -18.38 -3.01
N TYR A 15 7.17 -17.35 -2.69
CA TYR A 15 8.21 -16.86 -3.61
C TYR A 15 9.46 -17.70 -3.36
N LYS A 16 9.47 -18.88 -3.96
CA LYS A 16 10.60 -19.80 -3.83
C LYS A 16 11.83 -19.26 -4.53
N GLY A 17 13.01 -19.56 -3.98
CA GLY A 17 14.26 -19.05 -4.53
C GLY A 17 14.35 -17.52 -4.42
N ARG A 18 15.37 -16.97 -5.08
CA ARG A 18 15.64 -15.54 -5.06
C ARG A 18 15.03 -14.90 -6.29
N GLN A 19 14.23 -13.84 -6.09
CA GLN A 19 13.56 -13.20 -7.20
C GLN A 19 13.64 -11.70 -7.06
N ILE A 20 13.91 -11.02 -8.18
CA ILE A 20 13.81 -9.58 -8.24
C ILE A 20 12.37 -9.22 -8.60
N ILE A 21 11.76 -8.35 -7.80
CA ILE A 21 10.40 -7.90 -8.04
C ILE A 21 10.49 -6.47 -8.55
N GLY A 22 10.07 -6.24 -9.78
CA GLY A 22 10.29 -4.95 -10.40
C GLY A 22 11.41 -4.97 -11.42
N PRO A 23 12.11 -3.83 -11.64
CA PRO A 23 11.97 -2.50 -11.03
C PRO A 23 10.57 -1.91 -11.19
N PHE A 24 10.17 -1.12 -10.20
CA PHE A 24 8.92 -0.41 -10.25
C PHE A 24 9.08 0.89 -11.03
N GLN A 25 8.02 1.28 -11.73
CA GLN A 25 7.86 2.61 -12.31
C GLN A 25 7.13 3.48 -11.30
N ARG A 26 6.74 4.68 -11.70
CA ARG A 26 6.03 5.53 -10.77
C ARG A 26 4.61 5.02 -10.50
N PHE A 27 4.03 4.31 -11.48
CA PHE A 27 2.71 3.69 -11.33
C PHE A 27 2.83 2.27 -11.89
N THR A 28 2.85 1.28 -11.01
CA THR A 28 3.01 -0.12 -11.40
C THR A 28 1.85 -0.91 -10.84
N ALA A 29 1.30 -1.82 -11.64
CA ALA A 29 0.22 -2.68 -11.20
C ALA A 29 0.70 -4.12 -11.15
N ILE A 30 0.39 -4.80 -10.05
CA ILE A 30 0.64 -6.22 -9.88
C ILE A 30 -0.66 -6.95 -10.19
N ILE A 31 -0.60 -7.95 -11.08
CA ILE A 31 -1.79 -8.63 -11.58
C ILE A 31 -1.48 -10.13 -11.64
N GLY A 32 -2.54 -10.92 -11.81
CA GLY A 32 -2.35 -12.33 -12.02
C GLY A 32 -3.59 -13.13 -11.68
N PRO A 33 -3.65 -14.37 -12.15
CA PRO A 33 -4.84 -15.19 -11.90
C PRO A 33 -4.99 -15.50 -10.42
N ASN A 34 -6.17 -16.01 -10.07
CA ASN A 34 -6.52 -16.23 -8.67
C ASN A 34 -5.50 -17.12 -7.96
N GLY A 35 -5.17 -16.75 -6.73
CA GLY A 35 -4.33 -17.59 -5.89
C GLY A 35 -2.89 -17.71 -6.32
N SER A 36 -2.44 -16.91 -7.30
CA SER A 36 -1.08 -17.04 -7.80
C SER A 36 -0.03 -16.52 -6.82
N GLY A 37 -0.41 -15.62 -5.91
CA GLY A 37 0.52 -15.11 -4.91
C GLY A 37 0.64 -13.61 -4.84
N LYS A 38 -0.41 -12.89 -5.24
CA LYS A 38 -0.38 -11.43 -5.18
C LYS A 38 -0.35 -10.94 -3.73
N SER A 39 -1.24 -11.48 -2.89
CA SER A 39 -1.26 -11.09 -1.48
C SER A 39 0.08 -11.39 -0.82
N ASN A 40 0.69 -12.53 -1.13
CA ASN A 40 1.97 -12.87 -0.52
C ASN A 40 3.00 -11.79 -0.80
N LEU A 41 2.87 -11.11 -1.94
CA LEU A 41 3.77 -10.02 -2.27
C LEU A 41 3.45 -8.79 -1.43
N MET A 42 2.16 -8.57 -1.19
CA MET A 42 1.75 -7.55 -0.24
C MET A 42 2.42 -7.78 1.11
N ASP A 43 2.37 -9.01 1.59
CA ASP A 43 2.97 -9.35 2.89
C ASP A 43 4.48 -9.17 2.88
N ALA A 44 5.14 -9.43 1.75
CA ALA A 44 6.59 -9.27 1.71
C ALA A 44 6.97 -7.82 1.89
N ILE A 45 6.19 -6.91 1.30
CA ILE A 45 6.45 -5.48 1.49
C ILE A 45 6.20 -5.09 2.95
N SER A 46 5.06 -5.50 3.50
CA SER A 46 4.82 -5.26 4.92
C SER A 46 6.00 -5.77 5.74
N PHE A 47 6.45 -6.99 5.43
CA PHE A 47 7.47 -7.67 6.23
C PHE A 47 8.76 -6.86 6.26
N VAL A 48 9.27 -6.46 5.09
CA VAL A 48 10.53 -5.74 5.06
C VAL A 48 10.40 -4.35 5.68
N LEU A 49 9.18 -3.83 5.78
CA LEU A 49 8.91 -2.57 6.46
C LEU A 49 8.58 -2.77 7.94
N GLY A 50 9.02 -3.87 8.53
CA GLY A 50 8.98 -4.06 9.97
C GLY A 50 7.67 -4.55 10.53
N GLU A 51 6.73 -4.98 9.69
CA GLU A 51 5.44 -5.44 10.17
C GLU A 51 5.60 -6.64 11.11
N LYS A 52 4.69 -6.74 12.06
CA LYS A 52 4.70 -7.84 13.03
C LYS A 52 4.25 -9.14 12.36
N THR A 53 4.91 -10.24 12.73
CA THR A 53 4.55 -11.58 12.26
C THR A 53 3.07 -11.87 12.44
N SER A 54 2.44 -11.36 13.50
CA SER A 54 1.03 -11.61 13.76
C SER A 54 0.14 -11.12 12.63
N ASN A 55 0.59 -10.11 11.88
CA ASN A 55 -0.19 -9.50 10.80
C ASN A 55 0.19 -10.04 9.43
N LEU A 56 0.99 -11.10 9.37
CA LEU A 56 1.46 -11.64 8.10
C LEU A 56 0.86 -13.01 7.81
N ARG A 57 -0.29 -13.29 8.42
CA ARG A 57 -1.12 -14.47 8.13
C ARG A 57 -0.44 -15.78 8.51
N VAL A 58 0.45 -15.76 9.49
CA VAL A 58 1.10 -16.97 9.99
C VAL A 58 1.07 -16.91 11.51
N LYS A 59 1.43 -18.02 12.14
CA LYS A 59 1.49 -18.08 13.59
C LYS A 59 2.89 -17.91 14.15
N THR A 60 3.94 -18.30 13.41
CA THR A 60 5.31 -18.06 13.83
C THR A 60 6.18 -17.67 12.64
N LEU A 61 7.31 -17.03 12.96
CA LEU A 61 8.21 -16.47 11.95
C LEU A 61 8.65 -17.50 10.92
N ARG A 62 9.05 -18.70 11.38
CA ARG A 62 9.56 -19.70 10.46
C ARG A 62 8.51 -20.19 9.47
N ASP A 63 7.23 -19.97 9.75
CA ASP A 63 6.19 -20.30 8.78
C ASP A 63 6.22 -19.41 7.55
N LEU A 64 6.93 -18.27 7.59
CA LEU A 64 7.12 -17.42 6.41
C LEU A 64 8.15 -18.00 5.43
N ILE A 65 8.89 -19.01 5.84
CA ILE A 65 9.87 -19.60 4.94
C ILE A 65 9.14 -20.48 3.94
N HIS A 66 9.54 -20.40 2.67
CA HIS A 66 8.85 -21.18 1.65
C HIS A 66 8.87 -22.67 1.98
N GLY A 67 7.70 -23.30 1.90
CA GLY A 67 7.60 -24.72 2.16
C GLY A 67 7.25 -25.11 3.58
N ALA A 68 7.14 -24.13 4.48
CA ALA A 68 6.73 -24.38 5.86
C ALA A 68 5.31 -24.92 5.98
N PRO A 69 4.31 -24.39 5.23
CA PRO A 69 2.92 -24.86 5.44
C PRO A 69 2.67 -26.33 5.11
N VAL A 70 3.67 -27.07 4.65
CA VAL A 70 3.49 -28.50 4.39
C VAL A 70 4.68 -29.26 4.97
N GLY A 71 5.43 -28.60 5.85
CA GLY A 71 6.61 -29.24 6.42
C GLY A 71 7.69 -29.58 5.40
N LYS A 72 7.93 -28.68 4.45
CA LYS A 72 9.05 -28.83 3.51
C LYS A 72 9.80 -27.50 3.34
N PRO A 73 10.29 -26.90 4.44
CA PRO A 73 10.99 -25.62 4.31
C PRO A 73 12.21 -25.76 3.41
N ALA A 74 12.32 -24.85 2.45
CA ALA A 74 13.35 -24.93 1.43
C ALA A 74 14.70 -24.41 1.90
N ALA A 75 14.77 -23.84 3.09
CA ALA A 75 15.98 -23.21 3.60
C ALA A 75 15.76 -22.93 5.07
N ASN A 76 16.85 -22.74 5.79
CA ASN A 76 16.78 -22.27 7.16
C ASN A 76 16.76 -20.75 7.25
N ARG A 77 16.76 -20.07 6.09
CA ARG A 77 16.73 -18.62 6.06
C ARG A 77 15.89 -18.15 4.87
N ALA A 78 15.46 -16.89 4.97
CA ALA A 78 14.70 -16.23 3.92
C ALA A 78 14.86 -14.74 4.13
N PHE A 79 14.60 -13.96 3.07
CA PHE A 79 14.65 -12.52 3.29
C PHE A 79 13.79 -11.79 2.27
N VAL A 80 13.48 -10.55 2.61
CA VAL A 80 12.90 -9.57 1.69
C VAL A 80 13.76 -8.32 1.81
N SER A 81 14.09 -7.73 0.68
CA SER A 81 14.93 -6.55 0.68
CA SER A 81 14.96 -6.56 0.65
C SER A 81 14.34 -5.51 -0.27
N MET A 82 14.39 -4.27 0.18
CA MET A 82 13.86 -3.13 -0.55
C MET A 82 15.02 -2.23 -0.92
N VAL A 83 15.12 -1.88 -2.20
CA VAL A 83 16.13 -0.92 -2.64
C VAL A 83 15.44 0.42 -2.74
N TYR A 84 15.80 1.34 -1.85
CA TYR A 84 15.21 2.68 -1.79
C TYR A 84 16.13 3.67 -2.46
N SER A 85 15.58 4.46 -3.37
CA SER A 85 16.34 5.33 -4.25
C SER A 85 15.95 6.78 -4.06
N GLU A 86 16.93 7.67 -4.24
CA GLU A 86 16.74 9.10 -4.05
C GLU A 86 17.67 9.84 -5.00
N GLU A 87 17.12 10.82 -5.71
CA GLU A 87 17.93 11.65 -6.61
C GLU A 87 19.05 12.34 -5.86
N GLY A 88 20.27 12.26 -6.41
CA GLY A 88 21.44 12.81 -5.75
C GLY A 88 22.01 11.95 -4.64
N ALA A 89 21.50 10.74 -4.44
CA ALA A 89 21.90 9.87 -3.36
C ALA A 89 22.14 8.46 -3.86
N GLU A 90 23.07 7.75 -3.23
CA GLU A 90 23.27 6.33 -3.50
C GLU A 90 22.02 5.53 -3.11
N ASP A 91 21.85 4.36 -3.74
CA ASP A 91 20.79 3.47 -3.34
C ASP A 91 21.00 3.02 -1.90
N ARG A 92 19.91 2.91 -1.13
CA ARG A 92 19.93 2.36 0.22
C ARG A 92 19.11 1.09 0.23
N THR A 93 19.66 0.01 0.77
CA THR A 93 18.97 -1.27 0.83
C THR A 93 18.54 -1.59 2.26
N PHE A 94 17.23 -1.75 2.47
CA PHE A 94 16.67 -2.19 3.75
C PHE A 94 16.29 -3.65 3.61
N ALA A 95 16.87 -4.53 4.45
CA ALA A 95 16.62 -5.95 4.37
C ALA A 95 16.18 -6.48 5.72
N ARG A 96 15.23 -7.40 5.71
CA ARG A 96 14.86 -8.14 6.91
C ARG A 96 15.03 -9.62 6.59
N VAL A 97 15.88 -10.30 7.35
CA VAL A 97 16.28 -11.68 7.09
C VAL A 97 15.77 -12.57 8.22
N ILE A 98 15.17 -13.71 7.86
CA ILE A 98 14.78 -14.72 8.84
C ILE A 98 15.95 -15.66 9.02
N VAL A 99 16.56 -15.62 10.20
CA VAL A 99 17.71 -16.47 10.54
C VAL A 99 17.36 -17.22 11.81
N GLY A 100 17.56 -18.53 11.79
CA GLY A 100 17.05 -19.34 12.87
C GLY A 100 15.55 -19.14 12.93
N GLY A 101 15.07 -18.75 14.11
CA GLY A 101 13.67 -18.44 14.22
C GLY A 101 13.47 -16.97 14.49
N SER A 102 14.45 -16.13 14.15
CA SER A 102 14.44 -14.72 14.50
C SER A 102 14.70 -13.84 13.28
N SER A 103 14.26 -12.58 13.39
CA SER A 103 14.47 -11.60 12.34
C SER A 103 15.76 -10.83 12.59
N GLU A 104 16.51 -10.61 11.51
CA GLU A 104 17.69 -9.76 11.53
C GLU A 104 17.46 -8.61 10.55
N TYR A 105 17.74 -7.40 10.99
CA TYR A 105 17.51 -6.20 10.22
C TYR A 105 18.83 -5.61 9.73
N LYS A 106 18.85 -5.16 8.47
CA LYS A 106 20.05 -4.67 7.83
C LYS A 106 19.75 -3.43 7.02
N ILE A 107 20.68 -2.46 7.04
CA ILE A 107 20.65 -1.31 6.16
C ILE A 107 22.00 -1.25 5.45
N ASN A 108 21.98 -1.38 4.12
CA ASN A 108 23.18 -1.53 3.31
C ASN A 108 24.04 -2.68 3.83
N ASN A 109 23.36 -3.81 4.11
CA ASN A 109 23.97 -5.07 4.53
C ASN A 109 24.68 -4.96 5.88
N LYS A 110 24.34 -3.94 6.69
CA LYS A 110 24.90 -3.75 8.01
C LYS A 110 23.80 -4.01 9.04
N VAL A 111 24.05 -4.94 9.97
CA VAL A 111 23.05 -5.29 10.97
C VAL A 111 22.69 -4.08 11.82
N VAL A 112 21.38 -3.89 12.04
CA VAL A 112 20.86 -2.85 12.93
C VAL A 112 19.73 -3.45 13.74
N GLN A 113 19.46 -2.83 14.88
CA GLN A 113 18.33 -3.27 15.68
C GLN A 113 17.04 -2.72 15.10
N LEU A 114 15.93 -3.40 15.38
CA LEU A 114 14.64 -2.98 14.84
C LEU A 114 14.34 -1.53 15.16
N HIS A 115 14.77 -1.06 16.34
CA HIS A 115 14.58 0.34 16.70
C HIS A 115 15.24 1.28 15.69
N GLU A 116 16.54 1.06 15.39
CA GLU A 116 17.20 1.95 14.42
C GLU A 116 16.60 1.78 13.04
N TYR A 117 16.28 0.55 12.65
CA TYR A 117 15.64 0.29 11.37
C TYR A 117 14.38 1.15 11.21
N SER A 118 13.48 1.06 12.21
CA SER A 118 12.24 1.82 12.14
CA SER A 118 12.23 1.82 12.16
C SER A 118 12.49 3.32 12.18
N GLU A 119 13.49 3.75 12.94
CA GLU A 119 13.83 5.17 12.97
C GLU A 119 14.33 5.66 11.62
N GLU A 120 15.13 4.84 10.94
CA GLU A 120 15.60 5.21 9.60
C GLU A 120 14.45 5.28 8.61
N LEU A 121 13.54 4.30 8.64
CA LEU A 121 12.41 4.33 7.73
C LEU A 121 11.53 5.54 8.02
N GLU A 122 11.33 5.87 9.31
CA GLU A 122 10.54 7.04 9.67
C GLU A 122 11.09 8.30 9.03
N LYS A 123 12.41 8.46 9.02
CA LYS A 123 13.01 9.61 8.36
C LYS A 123 12.73 9.64 6.86
N LEU A 124 12.25 8.56 6.26
CA LEU A 124 11.90 8.62 4.84
C LEU A 124 10.43 8.90 4.61
N GLY A 125 9.63 8.95 5.67
CA GLY A 125 8.20 9.07 5.55
C GLY A 125 7.47 7.75 5.69
N ILE A 126 8.19 6.67 5.99
CA ILE A 126 7.61 5.34 6.16
C ILE A 126 7.37 5.13 7.65
N LEU A 127 6.10 5.19 8.06
CA LEU A 127 5.69 4.99 9.46
C LEU A 127 5.18 3.57 9.61
N ILE A 128 6.01 2.71 10.22
CA ILE A 128 5.62 1.31 10.41
C ILE A 128 4.38 1.19 11.28
N LYS A 129 4.19 2.13 12.22
CA LYS A 129 3.06 2.05 13.14
C LYS A 129 1.78 2.63 12.52
N ALA A 130 1.88 3.85 11.97
CA ALA A 130 0.71 4.45 11.35
C ALA A 130 0.25 3.67 10.12
N ARG A 131 1.21 3.16 9.33
CA ARG A 131 0.90 2.35 8.15
C ARG A 131 -0.06 3.10 7.22
N ASN A 132 0.14 4.42 7.09
CA ASN A 132 -0.76 5.22 6.28
C ASN A 132 -0.47 5.11 4.78
N PHE A 133 0.46 4.25 4.39
CA PHE A 133 0.82 4.08 2.98
C PHE A 133 0.41 2.70 2.44
N LEU A 134 -0.26 1.89 3.23
CA LEU A 134 -0.67 0.53 2.85
C LEU A 134 -2.18 0.44 2.99
N VAL A 135 -2.86 0.06 1.93
CA VAL A 135 -4.29 -0.23 2.02
C VAL A 135 -4.51 -1.68 1.64
N PHE A 136 -4.95 -2.48 2.62
CA PHE A 136 -5.02 -3.92 2.43
C PHE A 136 -6.28 -4.29 1.66
N GLN A 137 -6.28 -5.53 1.17
CA GLN A 137 -7.42 -6.06 0.41
C GLN A 137 -8.67 -6.07 1.28
N GLY A 138 -9.74 -5.44 0.77
CA GLY A 138 -11.01 -5.42 1.46
C GLY A 138 -11.11 -4.39 2.56
N ALA A 139 -10.22 -3.39 2.59
CA ALA A 139 -10.13 -2.47 3.71
C ALA A 139 -10.24 -1.00 3.34
N VAL A 140 -10.34 -0.66 2.05
CA VAL A 140 -10.36 0.75 1.70
C VAL A 140 -11.62 1.42 2.21
N GLU A 141 -12.75 0.72 2.17
CA GLU A 141 -14.01 1.33 2.58
C GLU A 141 -14.01 1.65 4.07
N SER A 142 -13.56 0.71 4.90
CA SER A 142 -13.55 0.92 6.34
C SER A 142 -12.76 2.16 6.74
N ILE A 143 -11.87 2.66 5.87
CA ILE A 143 -11.16 3.92 6.16
C ILE A 143 -12.11 5.11 6.21
N ALA A 144 -13.19 5.08 5.42
CA ALA A 144 -14.17 6.17 5.44
C ALA A 144 -15.33 5.90 6.39
N MET A 145 -15.57 4.64 6.74
CA MET A 145 -16.61 4.28 7.69
C MET A 145 -16.07 4.04 9.09
N LYS A 146 -14.79 4.33 9.32
CA LYS A 146 -14.21 4.13 10.64
C LYS A 146 -14.94 4.95 11.68
N ASN A 147 -14.87 4.49 12.91
CA ASN A 147 -15.43 5.23 14.01
C ASN A 147 -14.66 6.54 14.18
N PRO A 148 -15.35 7.67 14.40
CA PRO A 148 -14.66 8.93 14.69
C PRO A 148 -13.51 8.83 15.68
N LYS A 149 -13.66 8.02 16.74
CA LYS A 149 -12.60 7.97 17.75
C LYS A 149 -11.39 7.21 17.24
N GLU A 150 -11.60 6.23 16.36
CA GLU A 150 -10.45 5.56 15.76
C GLU A 150 -9.75 6.47 14.75
N ARG A 151 -10.48 7.39 14.13
CA ARG A 151 -9.82 8.35 13.27
C ARG A 151 -8.90 9.26 14.09
N THR A 152 -9.31 9.58 15.32
CA THR A 152 -8.48 10.43 16.17
C THR A 152 -7.20 9.71 16.55
N ALA A 153 -7.29 8.41 16.82
CA ALA A 153 -6.10 7.65 17.19
C ALA A 153 -5.06 7.70 16.09
N LEU A 154 -5.51 7.72 14.83
CA LEU A 154 -4.57 7.79 13.73
C LEU A 154 -3.85 9.12 13.73
N PHE A 155 -4.60 10.20 13.94
CA PHE A 155 -3.97 11.53 13.97
C PHE A 155 -3.04 11.67 15.18
N GLU A 156 -3.39 11.07 16.34
CA GLU A 156 -2.48 11.11 17.48
C GLU A 156 -1.19 10.37 17.20
N GLU A 157 -1.24 9.29 16.41
CA GLU A 157 -0.02 8.54 16.10
C GLU A 157 0.85 9.32 15.13
N ILE A 158 0.26 9.81 14.03
CA ILE A 158 1.03 10.52 13.01
C ILE A 158 1.57 11.85 13.55
N SER A 159 0.77 12.56 14.36
CA SER A 159 1.16 13.88 14.84
C SER A 159 2.12 13.81 16.01
N ARG A 160 2.27 12.64 16.64
CA ARG A 160 2.99 12.40 17.88
C ARG A 160 2.30 12.99 19.10
N SER A 161 1.11 13.58 18.97
CA SER A 161 0.44 14.11 20.15
C SER A 161 0.12 12.99 21.13
N GLY A 162 -0.12 11.76 20.62
CA GLY A 162 -0.40 10.63 21.48
C GLY A 162 0.74 10.28 22.43
N GLU A 163 1.97 10.67 22.08
CA GLU A 163 3.06 10.49 23.02
C GLU A 163 2.85 11.26 24.30
N LEU A 164 2.00 12.29 24.26
CA LEU A 164 1.71 13.13 25.42
C LEU A 164 0.50 12.67 26.22
N ALA A 165 -0.22 11.65 25.76
CA ALA A 165 -1.52 11.29 26.34
C ALA A 165 -1.36 10.80 27.77
N GLN A 166 -0.34 9.97 28.00
CA GLN A 166 -0.13 9.36 29.31
C GLN A 166 0.12 10.43 30.38
N GLU A 167 1.01 11.37 30.08
CA GLU A 167 1.25 12.47 31.00
C GLU A 167 0.03 13.37 31.12
N TYR A 168 -0.69 13.59 30.01
CA TYR A 168 -1.92 14.37 30.08
C TYR A 168 -2.88 13.79 31.12
N ASP A 169 -3.16 12.48 31.02
CA ASP A 169 -4.11 11.85 31.94
C ASP A 169 -3.65 11.97 33.39
N LYS A 170 -2.37 11.72 33.63
CA LYS A 170 -1.82 11.84 34.97
C LYS A 170 -2.05 13.23 35.55
N ARG A 171 -1.75 14.28 34.78
CA ARG A 171 -1.89 15.63 35.30
C ARG A 171 -3.35 16.03 35.46
N LYS A 172 -4.20 15.57 34.53
CA LYS A 172 -5.63 15.83 34.64
C LYS A 172 -6.18 15.32 35.98
N LYS A 173 -5.85 14.07 36.33
CA LYS A 173 -6.29 13.52 37.61
C LYS A 173 -5.65 14.23 38.79
N GLU A 174 -4.40 14.67 38.66
CA GLU A 174 -3.70 15.34 39.75
C GLU A 174 -4.29 16.71 40.08
N MET A 175 -4.96 17.36 39.13
CA MET A 175 -5.51 18.67 39.42
C MET A 175 -6.96 18.63 39.89
N GLY A 176 -7.56 17.44 39.96
CA GLY A 176 -8.88 17.31 40.56
C GLY A 176 -9.85 16.46 39.77
N SER A 177 -9.46 16.07 38.55
CA SER A 177 -10.32 15.23 37.73
C SER A 177 -10.63 13.95 38.47
N GLY A 178 -11.90 13.53 38.41
CA GLY A 178 -12.34 12.38 39.15
C GLY A 178 -12.91 12.71 40.53
N SER A 179 -12.76 13.93 41.01
CA SER A 179 -13.44 14.29 42.25
C SER A 179 -14.84 14.80 41.93
N LEU A 180 -15.72 14.75 42.93
CA LEU A 180 -17.08 15.24 42.78
C LEU A 180 -17.09 16.70 42.30
N VAL A 181 -16.35 17.55 42.99
CA VAL A 181 -16.25 18.95 42.59
C VAL A 181 -14.78 19.24 42.33
N PRO A 182 -14.30 19.09 41.10
CA PRO A 182 -12.89 19.40 40.83
C PRO A 182 -12.57 20.83 41.23
N ARG A 183 -11.67 20.96 42.21
CA ARG A 183 -11.14 22.25 42.65
C ARG A 183 -9.73 22.37 42.08
N GLY A 184 -9.63 22.92 40.87
CA GLY A 184 -8.34 23.13 40.25
C GLY A 184 -7.74 24.48 40.56
N SER A 185 -6.77 24.52 41.47
CA SER A 185 -6.16 25.77 41.91
C SER A 185 -4.67 25.77 41.56
N GLY A 186 -4.18 26.90 41.06
CA GLY A 186 -2.75 27.16 40.99
C GLY A 186 -1.90 26.19 40.19
N SER A 187 -0.99 25.50 40.89
CA SER A 187 0.15 24.85 40.25
C SER A 187 -0.24 23.58 39.50
N ALA A 188 -1.12 22.76 40.09
CA ALA A 188 -1.51 21.53 39.43
C ALA A 188 -2.39 21.82 38.21
N LYS A 189 -3.27 22.82 38.33
CA LYS A 189 -4.07 23.23 37.17
C LYS A 189 -3.20 23.78 36.06
N GLN A 190 -2.18 24.58 36.39
CA GLN A 190 -1.33 25.13 35.34
C GLN A 190 -0.53 24.02 34.67
N ALA A 191 -0.08 23.01 35.42
CA ALA A 191 0.64 21.91 34.78
C ALA A 191 -0.25 21.13 33.82
N PHE A 192 -1.54 21.02 34.12
CA PHE A 192 -2.43 20.33 33.19
C PHE A 192 -2.70 21.18 31.95
N GLU A 193 -3.01 22.47 32.16
CA GLU A 193 -3.18 23.39 31.03
C GLU A 193 -1.96 23.40 30.12
N GLN A 194 -0.79 23.22 30.70
CA GLN A 194 0.43 23.23 29.90
C GLN A 194 0.54 21.98 29.02
N ILE A 195 0.31 20.79 29.59
CA ILE A 195 0.39 19.58 28.77
C ILE A 195 -0.77 19.54 27.79
N LYS A 196 -1.94 20.04 28.20
CA LYS A 196 -3.08 20.21 27.31
C LYS A 196 -2.70 21.03 26.08
N LYS A 197 -1.98 22.14 26.28
CA LYS A 197 -1.61 22.99 25.16
C LYS A 197 -0.57 22.32 24.27
N GLU A 198 0.43 21.66 24.87
CA GLU A 198 1.41 20.93 24.07
C GLU A 198 0.73 19.87 23.22
N ARG A 199 -0.20 19.10 23.81
CA ARG A 199 -0.89 18.06 23.05
C ARG A 199 -1.76 18.66 21.96
N PHE A 200 -2.48 19.73 22.28
CA PHE A 200 -3.26 20.47 21.30
C PHE A 200 -2.40 20.91 20.13
N ASP A 201 -1.26 21.56 20.43
CA ASP A 201 -0.39 22.07 19.39
C ASP A 201 0.13 20.96 18.49
N ARG A 202 0.65 19.87 19.08
CA ARG A 202 1.11 18.75 18.27
C ARG A 202 0.00 18.23 17.37
N PHE A 203 -1.17 17.96 17.95
CA PHE A 203 -2.28 17.42 17.19
C PHE A 203 -2.65 18.34 16.04
N ASN A 204 -2.86 19.62 16.33
CA ASN A 204 -3.38 20.52 15.30
C ASN A 204 -2.37 20.80 14.20
N ALA A 205 -1.07 20.69 14.48
CA ALA A 205 -0.10 20.90 13.41
C ALA A 205 -0.32 19.89 12.29
N CYS A 206 -0.78 18.68 12.65
CA CYS A 206 -1.11 17.66 11.66
C CYS A 206 -2.55 17.82 11.18
N PHE A 207 -3.51 17.88 12.11
CA PHE A 207 -4.91 17.86 11.71
C PHE A 207 -5.28 19.06 10.86
N GLU A 208 -4.82 20.26 11.23
CA GLU A 208 -5.18 21.44 10.45
C GLU A 208 -4.72 21.32 9.01
N SER A 209 -3.49 20.83 8.80
CA SER A 209 -2.96 20.65 7.45
CA SER A 209 -2.97 20.66 7.45
C SER A 209 -3.82 19.68 6.65
N VAL A 210 -4.17 18.55 7.27
CA VAL A 210 -4.96 17.55 6.56
C VAL A 210 -6.36 18.06 6.32
N ALA A 211 -6.98 18.70 7.33
CA ALA A 211 -8.34 19.19 7.16
C ALA A 211 -8.44 20.28 6.11
N THR A 212 -7.42 21.12 5.97
CA THR A 212 -7.50 22.20 4.99
C THR A 212 -7.06 21.76 3.60
N ASN A 213 -6.46 20.57 3.45
CA ASN A 213 -6.08 20.04 2.15
C ASN A 213 -7.04 19.00 1.61
N ILE A 214 -7.94 18.45 2.42
CA ILE A 214 -8.70 17.29 1.97
C ILE A 214 -9.78 17.69 0.97
N ASP A 215 -10.28 18.92 1.02
CA ASP A 215 -11.38 19.28 0.13
C ASP A 215 -10.92 19.33 -1.32
N GLU A 216 -9.79 19.99 -1.59
CA GLU A 216 -9.27 20.05 -2.95
C GLU A 216 -8.99 18.66 -3.50
N ILE A 217 -8.48 17.75 -2.66
CA ILE A 217 -8.15 16.41 -3.11
C ILE A 217 -9.42 15.63 -3.43
N TYR A 218 -10.44 15.74 -2.59
CA TYR A 218 -11.71 15.06 -2.87
C TYR A 218 -12.37 15.61 -4.12
N LYS A 219 -12.22 16.91 -4.36
CA LYS A 219 -12.58 17.50 -5.64
C LYS A 219 -11.73 16.89 -6.76
N ALA A 220 -10.41 17.12 -6.72
CA ALA A 220 -9.52 16.65 -7.79
C ALA A 220 -9.64 15.16 -8.03
N LEU A 221 -10.02 14.39 -7.00
CA LEU A 221 -10.34 12.98 -7.19
C LEU A 221 -11.60 12.83 -8.01
N SER A 222 -12.70 13.45 -7.57
CA SER A 222 -13.96 13.38 -8.29
C SER A 222 -14.04 14.36 -9.45
N ARG A 223 -13.16 15.38 -9.48
CA ARG A 223 -13.02 16.30 -10.61
C ARG A 223 -14.32 17.04 -10.90
N ASN A 224 -14.98 17.48 -9.84
CA ASN A 224 -16.25 18.16 -9.91
C ASN A 224 -16.27 19.18 -8.78
N SER A 225 -16.75 20.38 -9.07
CA SER A 225 -16.83 21.40 -8.03
C SER A 225 -17.94 21.13 -7.03
N SER A 226 -18.96 20.33 -7.40
CA SER A 226 -20.06 20.04 -6.49
CA SER A 226 -20.07 20.02 -6.51
C SER A 226 -19.66 19.10 -5.36
N ALA A 227 -18.50 18.46 -5.44
CA ALA A 227 -18.03 17.58 -4.38
C ALA A 227 -17.36 18.39 -3.27
N GLN A 228 -17.61 18.01 -2.03
CA GLN A 228 -17.00 18.69 -0.89
C GLN A 228 -16.62 17.68 0.17
N ALA A 229 -15.54 17.97 0.88
CA ALA A 229 -15.05 17.11 1.96
C ALA A 229 -14.77 17.96 3.18
N PHE A 230 -15.27 17.53 4.33
CA PHE A 230 -15.11 18.27 5.58
C PHE A 230 -14.57 17.34 6.65
N LEU A 231 -13.47 17.74 7.29
CA LEU A 231 -12.95 17.06 8.47
C LEU A 231 -13.09 18.01 9.66
N GLY A 232 -13.81 17.58 10.68
CA GLY A 232 -14.07 18.42 11.82
C GLY A 232 -13.98 17.67 13.13
N PRO A 233 -13.37 18.29 14.15
CA PRO A 233 -13.29 17.64 15.46
C PRO A 233 -14.61 17.73 16.21
N GLU A 234 -14.97 16.62 16.85
CA GLU A 234 -16.15 16.59 17.71
C GLU A 234 -15.97 17.50 18.93
N ASN A 235 -14.73 17.66 19.40
CA ASN A 235 -14.36 18.51 20.53
C ASN A 235 -13.36 19.53 20.03
N PRO A 236 -13.81 20.70 19.56
CA PRO A 236 -12.85 21.68 19.02
C PRO A 236 -11.81 22.15 20.02
N GLU A 237 -12.16 22.23 21.30
CA GLU A 237 -11.18 22.71 22.28
C GLU A 237 -10.10 21.67 22.54
N GLU A 238 -10.47 20.40 22.57
CA GLU A 238 -9.54 19.29 22.80
C GLU A 238 -9.81 18.19 21.79
N PRO A 239 -9.39 18.40 20.53
CA PRO A 239 -9.77 17.47 19.45
C PRO A 239 -9.34 16.04 19.71
N TYR A 240 -8.16 15.87 20.31
CA TYR A 240 -7.60 14.56 20.64
C TYR A 240 -8.45 13.79 21.65
N LEU A 241 -9.41 14.43 22.31
CA LEU A 241 -10.22 13.77 23.32
C LEU A 241 -11.43 13.05 22.75
N ASP A 242 -11.90 13.47 21.58
CA ASP A 242 -13.10 12.90 20.99
C ASP A 242 -12.80 12.46 19.56
N GLY A 243 -13.84 12.25 18.77
CA GLY A 243 -13.68 11.74 17.43
C GLY A 243 -13.46 12.83 16.41
N ILE A 244 -12.97 12.41 15.25
CA ILE A 244 -12.87 13.28 14.09
C ILE A 244 -13.98 12.88 13.11
N ASN A 245 -14.93 13.79 12.89
CA ASN A 245 -16.00 13.58 11.92
C ASN A 245 -15.47 13.79 10.50
N TYR A 246 -15.96 12.95 9.59
CA TYR A 246 -15.61 13.02 8.18
C TYR A 246 -16.91 12.95 7.39
N ASN A 247 -17.23 14.03 6.68
CA ASN A 247 -18.41 14.07 5.84
C ASN A 247 -18.08 14.60 4.45
N CYS A 248 -18.80 14.08 3.46
CA CYS A 248 -18.57 14.37 2.06
C CYS A 248 -19.89 14.68 1.37
N VAL A 249 -19.79 15.49 0.32
CA VAL A 249 -20.87 15.67 -0.64
C VAL A 249 -20.36 15.03 -1.93
N ALA A 250 -20.92 13.87 -2.28
CA ALA A 250 -20.54 13.17 -3.49
C ALA A 250 -20.64 14.08 -4.71
N PRO A 251 -19.87 13.84 -5.77
CA PRO A 251 -19.87 14.77 -6.90
C PRO A 251 -21.17 14.72 -7.68
N GLY A 252 -21.72 15.90 -7.97
CA GLY A 252 -22.94 16.02 -8.75
C GLY A 252 -24.20 15.59 -8.03
N LYS A 253 -24.12 15.13 -6.79
CA LYS A 253 -25.27 14.67 -6.04
C LYS A 253 -25.46 15.54 -4.80
N ARG A 254 -26.58 15.30 -4.12
CA ARG A 254 -26.90 15.98 -2.89
C ARG A 254 -26.25 15.27 -1.70
N PHE A 255 -26.19 15.98 -0.58
CA PHE A 255 -25.58 15.40 0.61
C PHE A 255 -26.40 14.21 1.11
N ARG A 256 -25.69 13.14 1.47
CA ARG A 256 -26.22 11.96 2.10
C ARG A 256 -25.19 11.58 3.16
N PRO A 257 -25.64 11.12 4.35
CA PRO A 257 -24.76 11.04 5.52
C PRO A 257 -23.33 10.60 5.27
N MET A 258 -23.15 9.28 5.10
CA MET A 258 -21.90 8.53 5.06
C MET A 258 -22.21 7.25 5.82
N ASP A 259 -21.96 6.08 5.18
CA ASP A 259 -22.53 4.77 5.49
C ASP A 259 -23.75 4.56 4.58
N ASN A 260 -24.32 5.68 4.10
CA ASN A 260 -25.32 5.63 3.06
C ASN A 260 -24.72 5.52 1.66
N LEU A 261 -23.48 5.94 1.49
CA LEU A 261 -22.86 6.01 0.17
C LEU A 261 -22.66 4.60 -0.39
N SER A 262 -22.37 4.56 -1.69
CA SER A 262 -22.00 3.30 -2.30
C SER A 262 -20.59 2.91 -1.88
N GLY A 263 -20.27 1.63 -2.06
CA GLY A 263 -18.90 1.19 -1.87
C GLY A 263 -17.92 2.03 -2.67
N GLY A 264 -18.30 2.37 -3.90
CA GLY A 264 -17.43 3.19 -4.73
C GLY A 264 -17.22 4.58 -4.17
N GLU A 265 -18.29 5.22 -3.70
CA GLU A 265 -18.15 6.57 -3.16
C GLU A 265 -17.38 6.55 -1.85
N LYS A 266 -17.63 5.53 -1.02
CA LYS A 266 -16.80 5.32 0.18
C LYS A 266 -15.33 5.17 -0.18
N THR A 267 -15.04 4.46 -1.29
CA THR A 267 -13.66 4.31 -1.71
C THR A 267 -13.00 5.66 -1.99
N VAL A 268 -13.66 6.50 -2.79
CA VAL A 268 -13.05 7.77 -3.17
C VAL A 268 -12.85 8.66 -1.95
N ALA A 269 -13.81 8.64 -1.03
CA ALA A 269 -13.69 9.39 0.21
C ALA A 269 -12.52 8.90 1.03
N ALA A 270 -12.34 7.57 1.09
CA ALA A 270 -11.21 7.00 1.83
C ALA A 270 -9.89 7.40 1.18
N LEU A 271 -9.81 7.30 -0.15
CA LEU A 271 -8.59 7.70 -0.83
C LEU A 271 -8.32 9.19 -0.63
N ALA A 272 -9.37 10.00 -0.62
CA ALA A 272 -9.22 11.41 -0.30
C ALA A 272 -8.53 11.59 1.05
N LEU A 273 -9.02 10.90 2.08
CA LEU A 273 -8.39 11.00 3.39
C LEU A 273 -6.95 10.53 3.34
N LEU A 274 -6.71 9.39 2.67
CA LEU A 274 -5.36 8.86 2.55
C LEU A 274 -4.43 9.88 1.90
N PHE A 275 -4.84 10.49 0.80
CA PHE A 275 -3.93 11.41 0.12
C PHE A 275 -3.80 12.73 0.88
N ALA A 276 -4.83 13.11 1.65
CA ALA A 276 -4.72 14.33 2.46
C ALA A 276 -3.71 14.14 3.60
N ILE A 277 -3.68 12.95 4.21
CA ILE A 277 -2.62 12.65 5.18
C ILE A 277 -1.26 12.77 4.52
N HIS A 278 -1.15 12.27 3.29
CA HIS A 278 0.11 12.35 2.54
C HIS A 278 0.58 13.79 2.38
N SER A 279 -0.36 14.73 2.17
CA SER A 279 0.03 16.13 1.98
C SER A 279 0.75 16.71 3.20
N TYR A 280 0.51 16.15 4.39
CA TYR A 280 1.18 16.61 5.60
C TYR A 280 2.51 15.91 5.81
N LYS A 281 2.50 14.57 5.79
CA LYS A 281 3.70 13.76 6.03
C LYS A 281 3.83 12.77 4.88
N PRO A 282 4.46 13.17 3.77
CA PRO A 282 4.37 12.37 2.53
C PRO A 282 5.13 11.05 2.63
N ALA A 283 4.48 9.98 2.24
CA ALA A 283 5.24 8.74 2.14
C ALA A 283 5.82 8.61 0.74
N PRO A 284 6.94 7.89 0.59
CA PRO A 284 7.53 7.77 -0.75
C PRO A 284 6.66 6.99 -1.71
N PHE A 285 5.89 6.02 -1.22
CA PHE A 285 5.09 5.16 -2.08
C PHE A 285 3.87 4.66 -1.32
N PHE A 286 2.81 4.39 -2.06
CA PHE A 286 1.62 3.73 -1.54
C PHE A 286 1.54 2.34 -2.14
N VAL A 287 1.12 1.37 -1.33
CA VAL A 287 0.81 0.04 -1.83
C VAL A 287 -0.68 -0.19 -1.59
N LEU A 288 -1.42 -0.35 -2.67
CA LEU A 288 -2.88 -0.38 -2.63
C LEU A 288 -3.37 -1.71 -3.20
N ASP A 289 -3.96 -2.55 -2.33
CA ASP A 289 -4.34 -3.91 -2.69
C ASP A 289 -5.82 -3.91 -3.04
N GLN A 290 -6.11 -3.97 -4.34
CA GLN A 290 -7.47 -4.14 -4.86
C GLN A 290 -8.40 -3.04 -4.35
N ILE A 291 -7.90 -1.81 -4.33
CA ILE A 291 -8.74 -0.70 -3.91
C ILE A 291 -9.78 -0.32 -4.96
N ASP A 292 -9.65 -0.84 -6.18
CA ASP A 292 -10.62 -0.58 -7.23
C ASP A 292 -11.81 -1.55 -7.21
N ALA A 293 -11.92 -2.40 -6.19
CA ALA A 293 -12.93 -3.47 -6.22
C ALA A 293 -14.34 -2.91 -6.36
N ALA A 294 -14.66 -1.85 -5.63
CA ALA A 294 -16.01 -1.28 -5.68
C ALA A 294 -16.13 -0.09 -6.63
N LEU A 295 -15.08 0.26 -7.36
CA LEU A 295 -15.13 1.43 -8.22
C LEU A 295 -15.78 1.10 -9.56
N ASP A 296 -16.72 1.93 -10.01
CA ASP A 296 -17.16 1.76 -11.38
C ASP A 296 -16.07 2.31 -12.32
N ASN A 297 -16.37 2.33 -13.62
CA ASN A 297 -15.34 2.70 -14.59
C ASN A 297 -15.04 4.20 -14.55
N THR A 298 -16.06 5.03 -14.33
CA THR A 298 -15.81 6.46 -14.18
C THR A 298 -14.85 6.74 -13.04
N ASN A 299 -15.07 6.12 -11.87
CA ASN A 299 -14.19 6.42 -10.75
C ASN A 299 -12.83 5.79 -10.93
N ILE A 300 -12.75 4.66 -11.63
CA ILE A 300 -11.45 4.08 -11.91
C ILE A 300 -10.59 5.05 -12.70
N GLY A 301 -11.16 5.63 -13.75
CA GLY A 301 -10.40 6.59 -14.53
C GLY A 301 -9.93 7.77 -13.70
N LYS A 302 -10.81 8.29 -12.85
CA LYS A 302 -10.48 9.47 -12.05
C LYS A 302 -9.39 9.15 -11.04
N VAL A 303 -9.49 8.01 -10.35
CA VAL A 303 -8.43 7.61 -9.43
C VAL A 303 -7.12 7.37 -10.18
N ALA A 304 -7.19 6.64 -11.30
CA ALA A 304 -5.96 6.38 -12.04
C ALA A 304 -5.34 7.69 -12.54
N ASN A 305 -6.17 8.62 -13.05
CA ASN A 305 -5.65 9.90 -13.53
C ASN A 305 -5.05 10.71 -12.40
N TYR A 306 -5.63 10.64 -11.19
CA TYR A 306 -5.06 11.34 -10.05
C TYR A 306 -3.68 10.79 -9.74
N ILE A 307 -3.57 9.47 -9.69
CA ILE A 307 -2.28 8.81 -9.47
C ILE A 307 -1.26 9.22 -10.51
N LYS A 308 -1.65 9.21 -11.79
CA LYS A 308 -0.68 9.49 -12.84
C LYS A 308 -0.18 10.92 -12.77
N GLU A 309 -1.10 11.88 -12.60
CA GLU A 309 -0.73 13.27 -12.41
C GLU A 309 -0.08 13.54 -11.06
N GLN A 310 -0.01 12.53 -10.20
CA GLN A 310 0.71 12.59 -8.93
C GLN A 310 1.94 11.69 -8.88
N SER A 311 2.05 10.71 -9.78
CA SER A 311 3.20 9.80 -9.74
C SER A 311 4.45 10.38 -10.37
N THR A 312 4.35 11.53 -11.05
CA THR A 312 5.57 12.18 -11.54
C THR A 312 6.30 12.91 -10.42
N CYS A 313 5.56 13.59 -9.56
CA CYS A 313 6.13 14.49 -8.56
C CYS A 313 5.97 13.99 -7.14
N ASN A 314 4.73 13.77 -6.69
CA ASN A 314 4.44 13.60 -5.26
C ASN A 314 4.83 12.22 -4.74
N PHE A 315 4.29 11.16 -5.32
CA PHE A 315 4.48 9.84 -4.76
C PHE A 315 4.48 8.79 -5.85
N GLN A 316 4.87 7.59 -5.46
CA GLN A 316 4.86 6.41 -6.31
C GLN A 316 3.72 5.50 -5.86
N ALA A 317 3.08 4.82 -6.82
CA ALA A 317 1.93 3.96 -6.52
C ALA A 317 2.17 2.54 -7.02
N ILE A 318 2.07 1.57 -6.10
CA ILE A 318 2.13 0.15 -6.39
C ILE A 318 0.75 -0.41 -6.08
N VAL A 319 0.01 -0.84 -7.11
CA VAL A 319 -1.36 -1.30 -6.91
C VAL A 319 -1.43 -2.77 -7.30
N ILE A 320 -2.31 -3.49 -6.61
CA ILE A 320 -2.69 -4.86 -6.99
C ILE A 320 -4.12 -4.77 -7.48
N SER A 321 -4.36 -5.19 -8.73
CA SER A 321 -5.67 -4.99 -9.31
C SER A 321 -6.13 -6.22 -10.09
N LEU A 322 -7.43 -6.46 -10.01
CA LEU A 322 -8.12 -7.48 -10.79
C LEU A 322 -8.84 -6.91 -12.01
N LYS A 323 -8.82 -5.59 -12.20
CA LYS A 323 -9.68 -4.92 -13.18
C LYS A 323 -8.82 -4.29 -14.27
N GLU A 324 -8.95 -4.80 -15.50
CA GLU A 324 -8.12 -4.28 -16.59
C GLU A 324 -8.35 -2.79 -16.81
N GLU A 325 -9.56 -2.31 -16.51
CA GLU A 325 -9.85 -0.88 -16.61
C GLU A 325 -8.89 -0.05 -15.76
N PHE A 326 -8.45 -0.58 -14.63
CA PHE A 326 -7.50 0.09 -13.76
C PHE A 326 -6.06 -0.21 -14.17
N TYR A 327 -5.68 -1.49 -14.26
CA TYR A 327 -4.26 -1.74 -14.42
C TYR A 327 -3.76 -1.44 -15.83
N THR A 328 -4.64 -1.32 -16.82
CA THR A 328 -4.12 -0.89 -18.13
C THR A 328 -3.74 0.59 -18.14
N LYS A 329 -3.99 1.34 -17.06
CA LYS A 329 -3.57 2.72 -16.97
C LYS A 329 -2.21 2.88 -16.29
N ALA A 330 -1.65 1.80 -15.75
CA ALA A 330 -0.31 1.79 -15.17
C ALA A 330 0.77 1.89 -16.25
N GLU A 331 1.96 2.33 -15.82
CA GLU A 331 3.10 2.34 -16.75
C GLU A 331 3.62 0.94 -17.02
N SER A 332 3.65 0.08 -16.00
CA SER A 332 4.13 -1.26 -16.24
C SER A 332 3.38 -2.24 -15.36
N LEU A 333 3.41 -3.49 -15.77
CA LEU A 333 2.71 -4.57 -15.10
C LEU A 333 3.71 -5.56 -14.55
N ILE A 334 3.46 -6.01 -13.33
CA ILE A 334 4.14 -7.16 -12.75
C ILE A 334 3.11 -8.25 -12.69
N GLY A 335 3.31 -9.31 -13.47
CA GLY A 335 2.35 -10.39 -13.56
C GLY A 335 2.85 -11.56 -12.73
N VAL A 336 1.99 -12.05 -11.84
CA VAL A 336 2.32 -13.15 -10.94
C VAL A 336 1.73 -14.43 -11.51
N TYR A 337 2.54 -15.48 -11.55
CA TYR A 337 2.03 -16.75 -12.05
C TYR A 337 2.54 -17.89 -11.19
N PRO A 338 1.78 -19.01 -11.12
CA PRO A 338 2.19 -20.15 -10.30
C PRO A 338 2.95 -21.23 -11.06
N GLU A 339 3.90 -21.88 -10.40
CA GLU A 339 4.61 -23.04 -10.91
C GLU A 339 4.18 -24.25 -10.12
N GLN A 340 4.04 -25.39 -10.80
CA GLN A 340 3.55 -26.59 -10.13
C GLN A 340 4.60 -27.13 -9.16
N GLY A 341 4.15 -27.56 -8.00
CA GLY A 341 5.06 -28.14 -7.02
C GLY A 341 4.32 -28.62 -5.79
N ASP A 342 5.11 -28.98 -4.78
CA ASP A 342 4.54 -29.50 -3.54
C ASP A 342 3.56 -28.51 -2.93
N CYS A 343 3.92 -27.23 -2.91
CA CYS A 343 3.02 -26.14 -2.54
C CYS A 343 3.03 -25.12 -3.67
N VAL A 344 2.19 -24.09 -3.53
CA VAL A 344 2.13 -23.06 -4.56
C VAL A 344 3.47 -22.34 -4.63
N ILE A 345 3.99 -22.22 -5.84
CA ILE A 345 5.21 -21.50 -6.15
C ILE A 345 4.83 -20.29 -6.99
N SER A 346 5.23 -19.10 -6.55
CA SER A 346 4.93 -17.86 -7.25
C SER A 346 6.19 -17.35 -7.94
N LYS A 347 6.04 -16.86 -9.16
CA LYS A 347 7.10 -16.16 -9.90
C LYS A 347 6.44 -15.01 -10.63
N VAL A 348 7.26 -14.07 -11.14
CA VAL A 348 6.71 -12.87 -11.76
C VAL A 348 7.35 -12.61 -13.12
N LEU A 349 6.59 -11.92 -13.97
CA LEU A 349 7.02 -11.33 -15.22
C LEU A 349 6.86 -9.82 -15.13
N THR A 350 7.60 -9.10 -15.97
CA THR A 350 7.43 -7.65 -16.07
C THR A 350 7.12 -7.24 -17.51
N PHE A 351 6.22 -6.27 -17.66
CA PHE A 351 5.72 -5.86 -18.97
C PHE A 351 5.56 -4.35 -18.98
N ASP A 352 6.18 -3.69 -19.95
CA ASP A 352 6.11 -2.23 -20.06
C ASP A 352 4.92 -1.85 -20.93
N LEU A 353 3.91 -1.21 -20.34
CA LEU A 353 2.76 -0.81 -21.14
C LEU A 353 2.97 0.49 -21.90
N THR A 354 4.03 1.25 -21.60
CA THR A 354 4.17 2.55 -22.23
C THR A 354 4.63 2.46 -23.68
N LYS A 355 5.01 1.26 -24.14
CA LYS A 355 5.37 1.07 -25.55
C LYS A 355 4.16 1.17 -26.47
N TYR A 356 2.95 1.13 -25.94
CA TYR A 356 1.78 0.95 -26.79
C TYR A 356 0.87 2.15 -26.67
N PRO A 357 0.24 2.57 -27.77
CA PRO A 357 -0.69 3.72 -27.69
C PRO A 357 -1.92 3.35 -26.90
N ASP A 358 -2.28 4.21 -25.95
CA ASP A 358 -3.54 4.08 -25.22
C ASP A 358 -4.67 4.76 -25.99
N ALA A 359 -4.93 4.23 -27.18
CA ALA A 359 -5.85 4.84 -28.14
C ALA A 359 -6.24 3.78 -29.17
N ASN A 360 -6.59 4.22 -30.37
CA ASN A 360 -6.94 3.30 -31.47
C ASN A 360 -6.58 3.86 -32.85
N GLY B 19 2.19 -23.77 -35.28
CA GLY B 19 3.25 -24.71 -35.59
C GLY B 19 4.61 -24.23 -35.14
N ALA B 20 4.63 -23.17 -34.33
CA ALA B 20 5.90 -22.58 -33.93
C ALA B 20 6.50 -23.31 -32.74
N GLU B 21 7.84 -23.25 -32.66
CA GLU B 21 8.56 -23.75 -31.49
C GLU B 21 8.42 -22.80 -30.31
N SER B 22 8.26 -21.51 -30.57
CA SER B 22 8.19 -20.53 -29.49
C SER B 22 7.41 -19.32 -29.96
N ILE B 23 6.82 -18.60 -29.01
CA ILE B 23 6.06 -17.39 -29.27
C ILE B 23 6.67 -16.25 -28.47
N SER B 24 6.93 -15.12 -29.13
CA SER B 24 7.43 -13.91 -28.49
C SER B 24 6.26 -13.02 -28.10
N LEU B 25 6.13 -12.71 -26.81
CA LEU B 25 5.07 -11.79 -26.40
C LEU B 25 5.20 -10.45 -27.11
N LEU B 26 6.42 -9.91 -27.19
CA LEU B 26 6.58 -8.60 -27.79
C LEU B 26 6.16 -8.61 -29.25
N GLU B 27 6.45 -9.71 -29.95
CA GLU B 27 6.03 -9.84 -31.33
C GLU B 27 4.51 -9.91 -31.44
N LEU B 28 3.85 -10.71 -30.58
CA LEU B 28 2.39 -10.73 -30.56
C LEU B 28 1.80 -9.35 -30.32
N CYS B 29 2.49 -8.49 -29.57
CA CYS B 29 1.92 -7.21 -29.18
C CYS B 29 2.30 -6.07 -30.11
N ARG B 30 3.19 -6.32 -31.08
CA ARG B 30 3.49 -5.33 -32.10
C ARG B 30 2.18 -4.87 -32.76
N ASN B 31 2.03 -3.54 -32.88
CA ASN B 31 0.87 -2.93 -33.53
C ASN B 31 -0.44 -3.22 -32.78
N THR B 32 -0.39 -3.36 -31.45
CA THR B 32 -1.59 -3.43 -30.65
C THR B 32 -1.64 -2.21 -29.72
N ASN B 33 -2.81 -1.98 -29.12
CA ASN B 33 -2.93 -0.86 -28.18
C ASN B 33 -2.70 -1.38 -26.76
N ARG B 34 -2.75 -0.48 -25.79
CA ARG B 34 -2.34 -0.85 -24.44
C ARG B 34 -3.23 -1.95 -23.88
N LYS B 35 -4.54 -1.84 -24.06
CA LYS B 35 -5.46 -2.80 -23.47
C LYS B 35 -5.31 -4.18 -24.10
N GLN B 36 -5.14 -4.22 -25.43
CA GLN B 36 -4.90 -5.49 -26.11
C GLN B 36 -3.59 -6.10 -25.65
N ALA B 37 -2.53 -5.28 -25.55
CA ALA B 37 -1.24 -5.79 -25.12
C ALA B 37 -1.32 -6.35 -23.70
N ALA B 38 -2.01 -5.63 -22.80
CA ALA B 38 -2.13 -6.11 -21.43
C ALA B 38 -2.86 -7.44 -21.38
N ALA B 39 -3.88 -7.62 -22.24
CA ALA B 39 -4.66 -8.86 -22.24
C ALA B 39 -3.79 -10.03 -22.73
N LYS B 40 -2.93 -9.77 -23.71
CA LYS B 40 -2.05 -10.84 -24.17
C LYS B 40 -1.09 -11.23 -23.08
N PHE B 41 -0.54 -10.25 -22.37
CA PHE B 41 0.32 -10.51 -21.22
C PHE B 41 -0.41 -11.33 -20.16
N TYR B 42 -1.65 -10.91 -19.82
CA TYR B 42 -2.40 -11.65 -18.81
C TYR B 42 -2.70 -13.08 -19.28
N SER B 43 -2.99 -13.26 -20.57
CA SER B 43 -3.27 -14.60 -21.09
C SER B 43 -2.06 -15.51 -20.93
N PHE B 44 -0.84 -14.97 -21.07
CA PHE B 44 0.37 -15.77 -20.80
C PHE B 44 0.39 -16.25 -19.36
N LEU B 45 -0.02 -15.40 -18.41
CA LEU B 45 -0.06 -15.81 -17.01
C LEU B 45 -1.05 -16.94 -16.81
N VAL B 46 -2.24 -16.82 -17.41
CA VAL B 46 -3.26 -17.87 -17.30
C VAL B 46 -2.76 -19.15 -17.96
N LEU B 47 -2.24 -19.04 -19.19
CA LEU B 47 -1.76 -20.23 -19.89
C LEU B 47 -0.65 -20.92 -19.12
N LYS B 48 0.19 -20.15 -18.41
CA LYS B 48 1.23 -20.79 -17.59
C LYS B 48 0.62 -21.49 -16.37
N LYS B 49 -0.31 -20.82 -15.68
CA LYS B 49 -1.03 -21.51 -14.60
C LYS B 49 -1.65 -22.81 -15.09
N GLN B 50 -2.18 -22.83 -16.31
CA GLN B 50 -2.78 -24.05 -16.84
C GLN B 50 -1.77 -25.06 -17.35
N GLN B 51 -0.47 -24.74 -17.29
CA GLN B 51 0.60 -25.58 -17.78
C GLN B 51 0.50 -25.83 -19.29
N ALA B 52 -0.26 -24.98 -19.99
CA ALA B 52 -0.29 -25.03 -21.44
C ALA B 52 1.02 -24.55 -22.05
N ILE B 53 1.79 -23.72 -21.33
CA ILE B 53 3.05 -23.18 -21.83
C ILE B 53 4.09 -23.22 -20.71
N GLU B 54 5.35 -23.15 -21.13
CA GLU B 54 6.45 -22.70 -20.29
C GLU B 54 6.78 -21.27 -20.70
N LEU B 55 7.26 -20.49 -19.73
CA LEU B 55 7.60 -19.08 -19.94
C LEU B 55 9.06 -18.86 -19.59
N THR B 56 9.75 -18.05 -20.39
CA THR B 56 11.05 -17.54 -19.99
C THR B 56 11.10 -16.04 -20.22
N GLN B 57 11.71 -15.34 -19.26
CA GLN B 57 12.06 -13.93 -19.40
C GLN B 57 13.47 -13.78 -18.84
N GLU B 58 14.41 -13.43 -19.73
CA GLU B 58 15.83 -13.40 -19.39
C GLU B 58 16.08 -12.47 -18.21
N GLU B 59 15.59 -11.24 -18.31
CA GLU B 59 15.76 -10.25 -17.26
C GLU B 59 14.47 -9.44 -17.21
N PRO B 60 14.22 -8.72 -16.10
CA PRO B 60 13.01 -7.89 -16.06
C PRO B 60 12.93 -6.99 -17.28
N TYR B 61 11.72 -6.90 -17.83
CA TYR B 61 11.34 -6.09 -18.99
C TYR B 61 11.93 -6.57 -20.32
N SER B 62 12.61 -7.70 -20.37
CA SER B 62 12.97 -8.23 -21.68
C SER B 62 11.77 -8.96 -22.29
N ASP B 63 11.94 -9.49 -23.50
CA ASP B 63 10.85 -10.25 -24.14
C ASP B 63 10.47 -11.45 -23.28
N ILE B 64 9.21 -11.87 -23.39
CA ILE B 64 8.69 -13.03 -22.67
C ILE B 64 8.40 -14.11 -23.71
N ILE B 65 9.06 -15.26 -23.59
CA ILE B 65 8.99 -16.30 -24.64
C ILE B 65 8.20 -17.48 -24.11
N ALA B 66 7.17 -17.89 -24.85
CA ALA B 66 6.41 -19.08 -24.49
C ALA B 66 6.77 -20.25 -25.40
N THR B 67 6.82 -21.44 -24.81
CA THR B 67 7.05 -22.70 -25.49
C THR B 67 6.02 -23.67 -24.97
N PRO B 68 5.77 -24.78 -25.69
CA PRO B 68 4.68 -25.69 -25.28
C PRO B 68 4.90 -26.20 -23.86
N GLY B 69 3.83 -26.18 -23.08
CA GLY B 69 3.86 -26.68 -21.71
C GLY B 69 3.53 -28.16 -21.65
N PRO B 70 3.54 -28.73 -20.43
CA PRO B 70 3.33 -30.18 -20.27
C PRO B 70 1.87 -30.61 -20.38
N ARG B 71 0.93 -29.69 -20.45
CA ARG B 71 -0.48 -30.05 -20.64
C ARG B 71 -0.94 -29.58 -22.01
N PHE B 72 -1.67 -30.45 -22.69
CA PHE B 72 -2.33 -30.06 -23.92
C PHE B 72 -3.30 -28.92 -23.66
N HIS B 73 -3.50 -28.08 -24.68
CA HIS B 73 -4.46 -26.99 -24.62
C HIS B 73 -5.12 -26.85 -25.97
N GLY B 74 -6.43 -26.67 -25.97
CA GLY B 74 -7.12 -26.40 -27.21
C GLY B 74 -6.99 -24.94 -27.61
N SER B 75 -7.38 -24.67 -28.86
CA SER B 75 -7.57 -23.30 -29.36
C SER B 75 -6.31 -22.44 -29.17
N LEU B 76 -5.13 -23.07 -29.25
CA LEU B 76 -3.90 -22.34 -29.01
C LEU B 76 -3.57 -21.37 -30.16
N GLU B 77 -4.13 -21.58 -31.35
CA GLU B 77 -3.99 -20.61 -32.42
C GLU B 77 -4.70 -19.29 -32.12
N VAL B 78 -5.45 -19.23 -31.02
CA VAL B 78 -6.05 -17.99 -30.54
C VAL B 78 -5.20 -17.41 -29.41
MG MG C . -5.02 -11.08 -3.17
PG AGS D . -6.44 -14.39 -3.92
S1G AGS D . -7.15 -14.39 -5.71
O2G AGS D . -6.26 -12.84 -3.37
O3G AGS D . -7.47 -15.20 -2.92
PB AGS D . -3.51 -14.50 -4.21
O1B AGS D . -3.17 -14.39 -5.69
O2B AGS D . -3.44 -13.15 -3.58
O3B AGS D . -4.99 -15.18 -3.98
PA AGS D . -1.81 -15.14 -1.98
O1A AGS D . -0.74 -14.05 -2.12
O2A AGS D . -2.89 -14.74 -1.01
O3A AGS D . -2.44 -15.48 -3.46
O5' AGS D . -1.15 -16.55 -1.40
C5' AGS D . -1.97 -17.70 -1.51
C4' AGS D . -0.99 -18.85 -1.46
O4' AGS D . 0.10 -18.46 -0.85
C3' AGS D . -1.62 -19.99 -0.55
O3' AGS D . -1.89 -21.07 -1.30
C2' AGS D . -0.52 -20.32 0.47
O2' AGS D . -0.45 -21.79 0.69
C1' AGS D . 0.60 -19.82 -0.10
N9 AGS D . 1.61 -19.66 0.89
C8 AGS D . 1.63 -18.85 1.95
N7 AGS D . 2.75 -19.04 2.63
C5 AGS D . 3.49 -19.99 2.01
C6 AGS D . 4.72 -20.63 2.21
N6 AGS D . 5.54 -20.27 3.36
N1 AGS D . 5.14 -21.57 1.36
C2 AGS D . 4.39 -21.91 0.30
N3 AGS D . 3.22 -21.31 0.08
C4 AGS D . 2.74 -20.38 0.91
#